data_8TG3
#
_entry.id   8TG3
#
_cell.length_a   39.891
_cell.length_b   55.883
_cell.length_c   42.403
_cell.angle_alpha   90.000
_cell.angle_beta   97.740
_cell.angle_gamma   90.000
#
_symmetry.space_group_name_H-M   'P 1 21 1'
#
loop_
_entity.id
_entity.type
_entity.pdbx_description
1 polymer "Probable RNA 2'-phosphotransferase"
2 non-polymer '[[(2~{R},3~{S},4~{R},5~{R})-5-(6-aminopurin-9-yl)-3,4-bis(oxidanyl)oxolan-2-yl]methoxy-oxidanyl-phosphoryl] [(2~{R},3~{S},4~{R},5~{R})-3,4-bis(oxidanyl)-5-phosphonooxy-oxolan-2-yl]methyl hydrogen phosphate'
3 non-polymer 'NITRATE ION'
4 non-polymer GLYCEROL
5 non-polymer DI(HYDROXYETHYL)ETHER
6 non-polymer 'POTASSIUM ION'
7 water water
#
_entity_poly.entity_id   1
_entity_poly.type   'polypeptide(L)'
_entity_poly.pdbx_seq_one_letter_code
;MGSSHHHHHHSSGLVPRGSHMRVRLSKTLAGILRHHPGRYGVRLTREGWARVSEVVEGLRKAGWSWVEEWHIVGVALHDP
KGRYELRNGEIRARYGHSIPVNVEPLPGEPPPILYHGTTEEALPLIMERGIMRGRRLKVHLTSSLEDAVSTGRRHGNLVA
VLLVDVECLRRRGLKVERMSKTVYTVDWVPPECIAEVRRESLGRSL
;
_entity_poly.pdbx_strand_id   A
#
loop_
_chem_comp.id
_chem_comp.type
_chem_comp.name
_chem_comp.formula
GOL non-polymer GLYCEROL 'C3 H8 O3'
HQG non-polymer '[[(2~{R},3~{S},4~{R},5~{R})-5-(6-aminopurin-9-yl)-3,4-bis(oxidanyl)oxolan-2-yl]methoxy-oxidanyl-phosphoryl] [(2~{R},3~{S},4~{R},5~{R})-3,4-bis(oxidanyl)-5-phosphonooxy-oxolan-2-yl]methyl hydrogen phosphate' 'C15 H24 N5 O17 P3'
K non-polymer 'POTASSIUM ION' 'K 1'
NO3 non-polymer 'NITRATE ION' 'N O3 -1'
PEG non-polymer DI(HYDROXYETHYL)ETHER 'C4 H10 O3'
#
# COMPACT_ATOMS: atom_id res chain seq x y z
N HIS A 20 8.45 0.54 -23.16
CA HIS A 20 8.59 1.16 -21.85
C HIS A 20 7.81 0.31 -20.87
N MET A 21 8.45 -0.09 -19.77
CA MET A 21 7.81 -0.99 -18.81
C MET A 21 6.95 -0.17 -17.84
N ARG A 22 5.64 -0.43 -17.88
CA ARG A 22 4.72 0.24 -16.95
C ARG A 22 5.23 0.13 -15.52
N VAL A 23 5.78 -1.03 -15.16
CA VAL A 23 6.16 -1.23 -13.76
C VAL A 23 7.21 -0.24 -13.27
N ARG A 24 8.13 0.20 -14.14
CA ARG A 24 9.16 1.14 -13.67
C ARG A 24 8.58 2.53 -13.45
N LEU A 25 7.81 3.01 -14.41
CA LEU A 25 7.17 4.31 -14.23
C LEU A 25 6.21 4.26 -13.04
N SER A 26 5.51 3.14 -12.84
CA SER A 26 4.61 3.01 -11.68
C SER A 26 5.39 3.10 -10.36
N LYS A 27 6.52 2.43 -10.25
CA LYS A 27 7.27 2.51 -8.98
C LYS A 27 7.65 3.97 -8.67
N THR A 28 8.12 4.68 -9.68
CA THR A 28 8.45 6.10 -9.46
C THR A 28 7.21 6.94 -9.13
N LEU A 29 6.11 6.72 -9.84
CA LEU A 29 4.87 7.47 -9.59
C LEU A 29 4.38 7.25 -8.17
N ALA A 30 4.40 6.01 -7.72
CA ALA A 30 3.98 5.73 -6.36
C ALA A 30 4.82 6.50 -5.36
N GLY A 31 6.13 6.61 -5.60
CA GLY A 31 6.97 7.37 -4.66
C GLY A 31 6.60 8.84 -4.63
N ILE A 32 6.26 9.40 -5.80
CA ILE A 32 5.80 10.80 -5.87
C ILE A 32 4.52 10.97 -5.06
N LEU A 33 3.56 10.06 -5.24
CA LEU A 33 2.23 10.28 -4.70
C LEU A 33 2.09 9.88 -3.24
N ARG A 34 3.05 9.09 -2.73
CA ARG A 34 3.02 8.61 -1.34
C ARG A 34 4.03 9.27 -0.43
N HIS A 35 5.21 9.65 -0.95
CA HIS A 35 6.35 9.90 -0.06
C HIS A 35 7.06 11.22 -0.29
N HIS A 36 7.31 11.60 -1.55
CA HIS A 36 8.18 12.73 -1.86
C HIS A 36 7.64 13.52 -3.06
N PRO A 37 6.41 14.03 -2.98
CA PRO A 37 5.88 14.80 -4.13
C PRO A 37 6.72 16.02 -4.45
N GLY A 38 7.21 16.74 -3.43
CA GLY A 38 7.98 17.95 -3.71
C GLY A 38 9.25 17.72 -4.51
N ARG A 39 9.86 16.53 -4.39
CA ARG A 39 11.07 16.23 -5.15
C ARG A 39 10.81 16.23 -6.65
N TYR A 40 9.54 16.12 -7.07
CA TYR A 40 9.17 16.14 -8.48
C TYR A 40 8.30 17.34 -8.80
N GLY A 41 8.35 18.38 -7.97
CA GLY A 41 7.60 19.59 -8.27
C GLY A 41 6.10 19.48 -8.08
N VAL A 42 5.64 18.60 -7.22
CA VAL A 42 4.22 18.33 -7.02
C VAL A 42 3.80 18.76 -5.62
N ARG A 43 2.68 19.48 -5.51
CA ARG A 43 1.96 19.70 -4.26
C ARG A 43 0.68 18.87 -4.23
N LEU A 44 0.50 18.10 -3.17
CA LEU A 44 -0.73 17.33 -3.03
C LEU A 44 -1.76 18.13 -2.23
N THR A 45 -3.03 17.89 -2.54
CA THR A 45 -4.08 18.33 -1.63
C THR A 45 -4.10 17.47 -0.38
N ARG A 46 -4.88 17.91 0.60
CA ARG A 46 -5.04 17.17 1.85
C ARG A 46 -5.67 15.78 1.63
N GLU A 47 -6.35 15.55 0.50
CA GLU A 47 -6.89 14.25 0.14
C GLU A 47 -5.96 13.45 -0.75
N GLY A 48 -4.74 13.93 -0.95
CA GLY A 48 -3.71 13.22 -1.67
C GLY A 48 -3.67 13.47 -3.16
N TRP A 49 -4.47 14.39 -3.69
CA TRP A 49 -4.58 14.57 -5.13
C TRP A 49 -3.46 15.43 -5.70
N ALA A 50 -2.84 14.95 -6.78
CA ALA A 50 -1.86 15.72 -7.53
C ALA A 50 -2.46 16.14 -8.87
N ARG A 51 -2.06 17.32 -9.37
CA ARG A 51 -2.35 17.68 -10.75
C ARG A 51 -1.49 16.82 -11.69
N VAL A 52 -2.15 16.13 -12.63
CA VAL A 52 -1.40 15.27 -13.55
C VAL A 52 -0.34 16.08 -14.31
N SER A 53 -0.65 17.32 -14.66
CA SER A 53 0.30 18.15 -15.41
C SER A 53 1.60 18.37 -14.63
N GLU A 54 1.50 18.53 -13.32
CA GLU A 54 2.70 18.72 -12.49
C GLU A 54 3.50 17.44 -12.37
N VAL A 55 2.82 16.30 -12.24
CA VAL A 55 3.51 15.02 -12.21
C VAL A 55 4.27 14.82 -13.50
N VAL A 56 3.61 15.12 -14.65
CA VAL A 56 4.26 14.95 -15.95
C VAL A 56 5.50 15.82 -16.06
N GLU A 57 5.38 17.10 -15.72
CA GLU A 57 6.56 17.95 -15.82
C GLU A 57 7.71 17.46 -14.94
N GLY A 58 7.40 17.05 -13.70
CA GLY A 58 8.47 16.63 -12.81
C GLY A 58 9.16 15.37 -13.32
N LEU A 59 8.38 14.45 -13.88
CA LEU A 59 8.98 13.23 -14.42
C LEU A 59 9.86 13.55 -15.62
N ARG A 60 9.38 14.42 -16.52
CA ARG A 60 10.17 14.76 -17.71
C ARG A 60 11.47 15.41 -17.30
N LYS A 61 11.43 16.25 -16.28
CA LYS A 61 12.66 16.88 -15.79
C LYS A 61 13.64 15.87 -15.21
N ALA A 62 13.15 14.75 -14.69
CA ALA A 62 13.98 13.69 -14.15
C ALA A 62 14.38 12.67 -15.19
N GLY A 63 14.13 12.94 -16.47
CA GLY A 63 14.64 12.10 -17.56
C GLY A 63 13.64 11.20 -18.23
N TRP A 64 12.37 11.21 -17.79
CA TRP A 64 11.29 10.46 -18.45
C TRP A 64 10.82 11.29 -19.63
N SER A 65 11.66 11.30 -20.68
CA SER A 65 11.51 12.29 -21.76
C SER A 65 10.31 12.03 -22.66
N TRP A 66 9.73 10.85 -22.61
CA TRP A 66 8.58 10.47 -23.41
C TRP A 66 7.24 10.70 -22.72
N VAL A 67 7.22 11.02 -21.42
CA VAL A 67 5.99 10.91 -20.64
C VAL A 67 5.10 12.12 -20.87
N GLU A 68 3.82 11.85 -21.06
CA GLU A 68 2.74 12.84 -21.11
C GLU A 68 1.57 12.37 -20.24
N GLU A 69 0.50 13.18 -20.20
CA GLU A 69 -0.66 12.82 -19.39
C GLU A 69 -1.13 11.40 -19.76
N TRP A 70 -1.12 11.09 -21.06
CA TRP A 70 -1.62 9.80 -21.52
C TRP A 70 -0.96 8.65 -20.77
N HIS A 71 0.37 8.74 -20.56
CA HIS A 71 1.11 7.63 -19.94
C HIS A 71 0.81 7.51 -18.47
N ILE A 72 0.69 8.64 -17.77
CA ILE A 72 0.39 8.63 -16.34
C ILE A 72 -1.01 8.07 -16.09
N VAL A 73 -1.98 8.56 -16.87
CA VAL A 73 -3.34 8.02 -16.82
C VAL A 73 -3.32 6.53 -17.11
N GLY A 74 -2.54 6.10 -18.11
CA GLY A 74 -2.46 4.68 -18.40
C GLY A 74 -1.91 3.86 -17.25
N VAL A 75 -0.90 4.37 -16.55
CA VAL A 75 -0.37 3.64 -15.41
C VAL A 75 -1.49 3.39 -14.40
N ALA A 76 -2.31 4.41 -14.16
CA ALA A 76 -3.40 4.22 -13.21
C ALA A 76 -4.43 3.21 -13.73
N LEU A 77 -4.84 3.33 -15.01
CA LEU A 77 -5.90 2.47 -15.51
C LEU A 77 -5.47 1.01 -15.56
N HIS A 78 -4.20 0.75 -15.79
CA HIS A 78 -3.73 -0.61 -15.97
C HIS A 78 -3.14 -1.21 -14.71
N ASP A 79 -3.21 -0.50 -13.59
CA ASP A 79 -2.58 -1.03 -12.40
C ASP A 79 -3.40 -2.21 -11.90
N PRO A 80 -2.79 -3.38 -11.70
CA PRO A 80 -3.58 -4.57 -11.31
C PRO A 80 -4.19 -4.52 -9.91
N LYS A 81 -3.64 -3.73 -9.01
CA LYS A 81 -4.15 -3.62 -7.65
C LYS A 81 -5.10 -2.44 -7.42
N GLY A 82 -5.21 -1.53 -8.36
CA GLY A 82 -5.94 -0.30 -8.09
C GLY A 82 -5.19 0.64 -7.16
N ARG A 83 -3.87 0.73 -7.35
CA ARG A 83 -3.07 1.60 -6.49
C ARG A 83 -3.50 3.05 -6.62
N TYR A 84 -4.01 3.44 -7.79
CA TYR A 84 -4.18 4.85 -8.09
C TYR A 84 -5.65 5.14 -8.38
N GLU A 85 -6.00 6.40 -8.23
CA GLU A 85 -7.33 6.90 -8.58
C GLU A 85 -7.18 8.12 -9.45
N LEU A 86 -8.09 8.25 -10.42
CA LEU A 86 -8.11 9.37 -11.36
C LEU A 86 -9.41 10.14 -11.24
N ARG A 87 -9.29 11.44 -11.44
CA ARG A 87 -10.46 12.26 -11.78
C ARG A 87 -9.95 13.40 -12.65
N ASN A 88 -10.86 14.10 -13.32
CA ASN A 88 -10.42 15.04 -14.35
C ASN A 88 -9.24 15.91 -13.90
N GLY A 89 -8.09 15.76 -14.57
CA GLY A 89 -6.90 16.57 -14.30
C GLY A 89 -6.02 16.09 -13.16
N GLU A 90 -6.42 15.07 -12.42
CA GLU A 90 -5.80 14.71 -11.15
C GLU A 90 -5.63 13.21 -11.00
N ILE A 91 -4.69 12.86 -10.12
CA ILE A 91 -4.35 11.48 -9.77
C ILE A 91 -3.92 11.45 -8.31
N ARG A 92 -4.26 10.36 -7.62
CA ARG A 92 -3.74 10.13 -6.25
C ARG A 92 -3.42 8.66 -6.06
N ALA A 93 -2.57 8.36 -5.09
CA ALA A 93 -2.44 7.02 -4.58
C ALA A 93 -3.54 6.75 -3.58
N ARG A 94 -4.11 5.53 -3.62
CA ARG A 94 -5.17 5.16 -2.70
C ARG A 94 -4.65 4.81 -1.31
N TYR A 95 -3.38 4.47 -1.18
CA TYR A 95 -2.84 3.97 0.08
C TYR A 95 -1.32 4.08 0.04
N GLY A 96 -0.67 3.71 1.14
CA GLY A 96 0.78 3.59 1.13
C GLY A 96 1.51 4.84 1.55
N HIS A 97 0.78 5.92 1.86
CA HIS A 97 1.41 7.22 2.06
C HIS A 97 2.22 7.23 3.37
N SER A 98 3.29 8.00 3.35
CA SER A 98 3.99 8.41 4.56
C SER A 98 3.81 9.90 4.83
N ILE A 99 3.11 10.61 3.96
CA ILE A 99 2.82 12.02 4.24
C ILE A 99 1.34 12.11 4.56
N PRO A 100 0.93 13.09 5.36
CA PRO A 100 -0.45 13.10 5.88
C PRO A 100 -1.45 13.39 4.76
N VAL A 101 -2.38 12.46 4.56
CA VAL A 101 -3.49 12.63 3.64
C VAL A 101 -4.70 11.94 4.24
N ASN A 102 -5.87 12.35 3.80
CA ASN A 102 -7.13 11.71 4.16
C ASN A 102 -7.74 11.20 2.86
N VAL A 103 -7.74 9.88 2.70
CA VAL A 103 -8.33 9.26 1.51
C VAL A 103 -9.66 8.61 1.88
N GLU A 104 -10.74 9.04 1.22
CA GLU A 104 -12.05 8.44 1.44
C GLU A 104 -12.04 6.96 1.07
N PRO A 105 -12.57 6.08 1.91
CA PRO A 105 -12.59 4.65 1.59
C PRO A 105 -13.55 4.32 0.46
N LEU A 106 -13.29 3.15 -0.15
CA LEU A 106 -14.21 2.61 -1.13
C LEU A 106 -15.36 1.92 -0.42
N PRO A 107 -16.51 1.80 -1.08
CA PRO A 107 -17.61 1.03 -0.47
C PRO A 107 -17.23 -0.44 -0.29
N GLY A 108 -17.84 -1.05 0.73
CA GLY A 108 -17.70 -2.47 0.96
C GLY A 108 -17.24 -2.75 2.37
N GLU A 109 -17.59 -3.83 2.86
CA GLU A 109 -17.22 -4.24 4.21
C GLU A 109 -15.99 -5.13 4.16
N PRO A 110 -15.13 -5.10 5.17
CA PRO A 110 -13.96 -5.97 5.15
C PRO A 110 -14.38 -7.42 5.36
N PRO A 111 -13.59 -8.37 4.85
CA PRO A 111 -13.88 -9.78 5.10
C PRO A 111 -13.52 -10.14 6.52
N PRO A 112 -13.94 -11.30 7.00
CA PRO A 112 -13.66 -11.68 8.39
C PRO A 112 -12.21 -11.97 8.69
N ILE A 113 -11.40 -12.33 7.69
CA ILE A 113 -9.97 -12.56 7.85
C ILE A 113 -9.25 -11.76 6.79
N LEU A 114 -8.19 -11.06 7.20
CA LEU A 114 -7.30 -10.37 6.28
C LEU A 114 -5.86 -10.82 6.51
N TYR A 115 -5.01 -10.61 5.51
CA TYR A 115 -3.63 -11.08 5.60
C TYR A 115 -2.65 -9.93 5.75
N HIS A 116 -1.55 -10.18 6.46
CA HIS A 116 -0.42 -9.25 6.46
C HIS A 116 0.85 -10.06 6.25
N GLY A 117 1.53 -9.84 5.13
CA GLY A 117 2.80 -10.53 4.90
C GLY A 117 3.98 -9.77 5.46
N THR A 118 4.91 -10.52 6.02
CA THR A 118 6.08 -9.95 6.69
C THR A 118 7.22 -10.96 6.64
N THR A 119 8.30 -10.69 7.38
CA THR A 119 9.43 -11.59 7.47
C THR A 119 9.39 -12.33 8.81
N GLU A 120 10.00 -13.52 8.84
N GLU A 120 10.03 -13.50 8.83
CA GLU A 120 10.13 -14.27 10.08
CA GLU A 120 10.12 -14.26 10.08
C GLU A 120 10.81 -13.46 11.18
C GLU A 120 10.83 -13.48 11.17
N GLU A 121 11.82 -12.68 10.80
CA GLU A 121 12.59 -11.91 11.78
C GLU A 121 11.74 -10.85 12.47
N ALA A 122 10.66 -10.39 11.84
CA ALA A 122 9.83 -9.38 12.47
C ALA A 122 8.81 -9.97 13.43
N LEU A 123 8.62 -11.29 13.40
CA LEU A 123 7.55 -11.89 14.21
C LEU A 123 7.67 -11.65 15.70
N PRO A 124 8.84 -11.77 16.34
CA PRO A 124 8.89 -11.56 17.80
C PRO A 124 8.39 -10.19 18.21
N LEU A 125 8.78 -9.13 17.49
CA LEU A 125 8.39 -7.77 17.87
C LEU A 125 6.95 -7.49 17.49
N ILE A 126 6.44 -8.10 16.41
CA ILE A 126 5.01 -7.99 16.14
C ILE A 126 4.21 -8.66 17.23
N MET A 127 4.72 -9.76 17.79
CA MET A 127 3.94 -10.44 18.83
C MET A 127 3.93 -9.63 20.13
N GLU A 128 4.90 -8.74 20.31
CA GLU A 128 4.97 -7.91 21.49
C GLU A 128 4.21 -6.61 21.30
N ARG A 129 4.36 -5.96 20.15
CA ARG A 129 3.81 -4.63 20.00
C ARG A 129 2.64 -4.54 19.05
N GLY A 130 2.28 -5.66 18.41
CA GLY A 130 1.29 -5.64 17.33
C GLY A 130 1.91 -5.28 15.99
N ILE A 131 1.09 -5.37 14.95
CA ILE A 131 1.53 -4.91 13.62
C ILE A 131 1.39 -3.39 13.65
N MET A 132 2.49 -2.70 13.40
CA MET A 132 2.62 -1.25 13.55
C MET A 132 2.81 -0.61 12.19
N ARG A 133 2.30 0.62 12.05
CA ARG A 133 2.34 1.34 10.77
C ARG A 133 3.75 1.74 10.34
N GLY A 134 4.71 1.79 11.23
CA GLY A 134 6.05 2.16 10.79
C GLY A 134 6.09 3.59 10.32
N ARG A 135 6.67 3.79 9.13
CA ARG A 135 6.79 5.12 8.57
C ARG A 135 5.52 5.57 7.84
N ARG A 136 4.54 4.69 7.66
CA ARG A 136 3.33 5.00 6.89
C ARG A 136 2.23 5.42 7.84
N LEU A 137 1.15 5.95 7.27
CA LEU A 137 0.01 6.39 8.06
C LEU A 137 -0.76 5.20 8.65
N LYS A 138 -0.72 4.04 7.98
CA LYS A 138 -1.54 2.92 8.41
C LYS A 138 -0.81 1.59 8.24
N VAL A 139 -1.27 0.59 8.98
CA VAL A 139 -0.96 -0.79 8.66
C VAL A 139 -1.80 -1.22 7.45
N HIS A 140 -1.16 -1.90 6.51
CA HIS A 140 -1.82 -2.36 5.28
C HIS A 140 -2.06 -3.87 5.36
N LEU A 141 -3.27 -4.28 5.03
CA LEU A 141 -3.74 -5.66 5.05
C LEU A 141 -4.33 -5.98 3.69
N THR A 142 -4.34 -7.26 3.31
CA THR A 142 -4.88 -7.61 2.00
C THR A 142 -5.82 -8.81 2.13
N SER A 143 -6.76 -8.91 1.19
CA SER A 143 -7.61 -10.10 1.10
C SER A 143 -6.98 -11.19 0.26
N SER A 144 -5.81 -10.92 -0.32
CA SER A 144 -5.13 -11.89 -1.18
C SER A 144 -3.90 -12.47 -0.51
N LEU A 145 -3.93 -13.79 -0.27
CA LEU A 145 -2.80 -14.47 0.34
C LEU A 145 -1.56 -14.34 -0.54
N GLU A 146 -1.73 -14.49 -1.87
CA GLU A 146 -0.58 -14.39 -2.75
C GLU A 146 0.02 -12.99 -2.73
N ASP A 147 -0.83 -11.95 -2.66
CA ASP A 147 -0.27 -10.60 -2.57
C ASP A 147 0.46 -10.42 -1.25
N ALA A 148 -0.08 -10.95 -0.13
CA ALA A 148 0.62 -10.84 1.15
C ALA A 148 2.02 -11.46 1.08
N VAL A 149 2.14 -12.60 0.38
CA VAL A 149 3.44 -13.24 0.26
C VAL A 149 4.40 -12.33 -0.52
N SER A 150 3.93 -11.80 -1.67
CA SER A 150 4.78 -10.88 -2.42
C SER A 150 5.18 -9.66 -1.58
N THR A 151 4.25 -9.16 -0.75
CA THR A 151 4.58 -8.00 0.08
C THR A 151 5.69 -8.34 1.05
N GLY A 152 5.62 -9.52 1.66
CA GLY A 152 6.67 -9.93 2.58
C GLY A 152 8.02 -10.08 1.88
N ARG A 153 7.99 -10.63 0.67
CA ARG A 153 9.21 -10.87 -0.10
C ARG A 153 9.91 -9.58 -0.49
N ARG A 154 9.23 -8.43 -0.45
CA ARG A 154 9.98 -7.17 -0.57
C ARG A 154 11.01 -6.98 0.55
N HIS A 155 10.82 -7.63 1.70
CA HIS A 155 11.68 -7.43 2.85
C HIS A 155 12.66 -8.56 3.12
N GLY A 156 12.46 -9.74 2.55
CA GLY A 156 13.35 -10.87 2.81
C GLY A 156 12.86 -12.12 2.10
N ASN A 157 13.64 -13.19 2.25
CA ASN A 157 13.28 -14.44 1.60
C ASN A 157 12.46 -15.37 2.48
N LEU A 158 12.55 -15.23 3.83
CA LEU A 158 11.82 -16.08 4.77
C LEU A 158 10.59 -15.28 5.21
N VAL A 159 9.44 -15.58 4.65
CA VAL A 159 8.25 -14.78 4.84
C VAL A 159 7.27 -15.51 5.75
N ALA A 160 6.55 -14.74 6.55
CA ALA A 160 5.43 -15.24 7.34
C ALA A 160 4.21 -14.42 6.95
N VAL A 161 3.05 -15.07 6.79
CA VAL A 161 1.80 -14.37 6.55
C VAL A 161 0.98 -14.47 7.82
N LEU A 162 0.58 -13.34 8.35
CA LEU A 162 -0.29 -13.29 9.52
C LEU A 162 -1.75 -13.24 9.07
N LEU A 163 -2.57 -14.15 9.62
CA LEU A 163 -4.01 -14.08 9.43
C LEU A 163 -4.58 -13.24 10.55
N VAL A 164 -5.24 -12.14 10.21
CA VAL A 164 -5.76 -11.16 11.16
C VAL A 164 -7.28 -11.33 11.25
N ASP A 165 -7.75 -11.49 12.49
CA ASP A 165 -9.17 -11.59 12.84
C ASP A 165 -9.77 -10.18 12.81
N VAL A 166 -10.52 -9.88 11.76
CA VAL A 166 -10.98 -8.52 11.52
C VAL A 166 -11.99 -8.11 12.57
N GLU A 167 -12.89 -9.01 12.99
CA GLU A 167 -13.84 -8.60 14.02
C GLU A 167 -13.15 -8.33 15.36
N CYS A 168 -12.01 -8.97 15.63
CA CYS A 168 -11.21 -8.63 16.80
C CYS A 168 -10.76 -7.16 16.73
N LEU A 169 -10.38 -6.69 15.55
CA LEU A 169 -10.02 -5.27 15.41
C LEU A 169 -11.25 -4.40 15.60
N ARG A 170 -12.32 -4.74 14.89
CA ARG A 170 -13.48 -3.87 14.84
C ARG A 170 -14.12 -3.69 16.21
N ARG A 171 -14.26 -4.78 16.97
CA ARG A 171 -14.98 -4.71 18.23
C ARG A 171 -14.23 -3.93 19.29
N ARG A 172 -12.95 -3.61 19.09
CA ARG A 172 -12.29 -2.73 20.04
C ARG A 172 -12.16 -1.32 19.50
N GLY A 173 -12.89 -1.00 18.43
CA GLY A 173 -12.91 0.34 17.91
C GLY A 173 -11.87 0.69 16.87
N LEU A 174 -11.26 -0.30 16.20
CA LEU A 174 -10.28 -0.02 15.15
C LEU A 174 -10.96 -0.22 13.79
N LYS A 175 -11.20 0.88 13.08
CA LYS A 175 -11.86 0.80 11.77
C LYS A 175 -10.93 0.21 10.74
N VAL A 176 -11.47 -0.69 9.92
CA VAL A 176 -10.71 -1.39 8.89
C VAL A 176 -11.30 -0.90 7.57
N GLU A 177 -10.58 -0.03 6.88
CA GLU A 177 -11.12 0.71 5.73
C GLU A 177 -10.61 0.11 4.43
N ARG A 178 -11.51 -0.02 3.46
CA ARG A 178 -11.16 -0.51 2.14
C ARG A 178 -10.54 0.61 1.30
N MET A 179 -9.30 0.42 0.85
N MET A 179 -9.30 0.42 0.87
CA MET A 179 -8.61 1.44 0.06
CA MET A 179 -8.63 1.42 0.05
C MET A 179 -8.43 1.04 -1.40
C MET A 179 -8.64 1.05 -1.41
N SER A 180 -8.55 -0.24 -1.71
CA SER A 180 -8.61 -0.73 -3.08
C SER A 180 -9.44 -2.01 -3.04
N LYS A 181 -9.64 -2.65 -4.19
CA LYS A 181 -10.47 -3.84 -4.19
C LYS A 181 -10.01 -4.86 -3.15
N THR A 182 -8.69 -4.97 -2.96
CA THR A 182 -8.10 -5.98 -2.09
C THR A 182 -7.29 -5.44 -0.94
N VAL A 183 -7.01 -4.13 -0.88
CA VAL A 183 -6.13 -3.57 0.15
C VAL A 183 -6.96 -2.79 1.16
N TYR A 184 -6.72 -3.08 2.43
CA TYR A 184 -7.47 -2.47 3.53
C TYR A 184 -6.46 -1.88 4.49
N THR A 185 -6.86 -0.82 5.22
CA THR A 185 -5.95 -0.17 6.17
C THR A 185 -6.56 -0.16 7.56
N VAL A 186 -5.67 -0.20 8.56
CA VAL A 186 -6.08 -0.06 9.94
C VAL A 186 -4.98 0.68 10.69
N ASP A 187 -5.33 1.35 11.78
CA ASP A 187 -4.30 2.09 12.52
C ASP A 187 -3.23 1.20 13.13
N TRP A 188 -3.60 -0.02 13.53
CA TRP A 188 -2.76 -0.88 14.36
C TRP A 188 -3.43 -2.24 14.43
N VAL A 189 -2.63 -3.32 14.54
CA VAL A 189 -3.22 -4.64 14.78
C VAL A 189 -2.72 -5.16 16.12
N PRO A 190 -3.57 -5.29 17.15
CA PRO A 190 -3.12 -5.87 18.42
C PRO A 190 -2.65 -7.28 18.20
N PRO A 191 -1.64 -7.72 18.95
CA PRO A 191 -1.17 -9.10 18.77
C PRO A 191 -2.26 -10.13 19.06
N GLU A 192 -3.23 -9.80 19.91
CA GLU A 192 -4.29 -10.76 20.20
C GLU A 192 -5.21 -11.00 19.02
N CYS A 193 -5.18 -10.14 18.01
CA CYS A 193 -6.00 -10.30 16.82
C CYS A 193 -5.31 -11.09 15.72
N ILE A 194 -4.11 -11.57 15.95
CA ILE A 194 -3.43 -12.44 15.00
C ILE A 194 -3.87 -13.87 15.29
N ALA A 195 -4.63 -14.43 14.36
CA ALA A 195 -5.27 -15.72 14.53
C ALA A 195 -4.37 -16.88 14.18
N GLU A 196 -3.42 -16.70 13.27
CA GLU A 196 -2.60 -17.81 12.75
C GLU A 196 -1.41 -17.22 12.03
N VAL A 197 -0.33 -17.99 11.95
CA VAL A 197 0.86 -17.58 11.21
C VAL A 197 1.19 -18.68 10.21
N ARG A 198 1.30 -18.31 8.93
CA ARG A 198 1.63 -19.26 7.87
C ARG A 198 3.01 -18.92 7.29
N ARG A 199 3.84 -19.92 7.05
CA ARG A 199 5.18 -19.62 6.55
C ARG A 199 5.34 -19.93 5.06
N GLU A 200 6.04 -19.05 4.34
CA GLU A 200 6.45 -19.31 2.97
C GLU A 200 7.92 -18.91 2.81
N SER A 201 8.75 -19.88 2.40
CA SER A 201 10.20 -19.70 2.41
C SER A 201 10.78 -19.81 1.01
N LEU A 202 11.82 -19.00 0.77
CA LEU A 202 12.61 -18.97 -0.46
C LEU A 202 14.07 -19.10 -0.09
N GLY A 203 14.91 -19.32 -1.10
CA GLY A 203 16.33 -19.39 -0.87
C GLY A 203 16.76 -20.74 -0.29
N ARG A 204 17.90 -20.72 0.39
CA ARG A 204 18.41 -21.89 1.10
C ARG A 204 17.29 -22.65 1.78
N SER A 205 17.23 -23.95 1.52
CA SER A 205 16.30 -24.79 2.23
C SER A 205 16.70 -24.90 3.70
N LEU A 206 15.72 -24.86 4.58
CA LEU A 206 15.95 -25.10 6.01
C LEU A 206 15.89 -26.59 6.30
C1B HQG B . 7.00 -4.73 9.67
C1D HQG B . 3.34 -2.04 -0.64
C2A HQG B . 8.77 -5.10 13.63
C2B HQG B . 5.94 -5.00 8.61
C2D HQG B . 2.98 -3.37 0.03
C3B HQG B . 6.75 -4.68 7.34
C3D HQG B . 1.89 -2.98 1.01
C4A HQG B . 7.13 -4.73 12.19
C4B HQG B . 7.55 -3.46 7.82
C4D HQG B . 2.32 -1.56 1.43
C5A HQG B . 6.21 -4.51 13.19
C5B HQG B . 7.01 -2.11 7.44
C5D HQG B . 2.98 -1.47 2.78
C6A HQG B . 6.67 -4.62 14.51
C8A HQG B . 5.14 -4.28 11.36
N1A HQG B . 7.98 -4.92 14.69
N3A HQG B . 8.43 -5.02 12.35
N6A HQG B . 5.91 -4.45 15.59
N7A HQG B . 4.96 -4.22 12.66
N9A HQG B . 6.44 -4.59 11.01
O1A HQG B . 6.93 -1.18 3.72
O1N HQG B . 3.14 -3.72 4.87
O1Z HQG B . 3.01 -2.85 -3.79
O2A HQG B . 6.00 0.14 5.72
O2B HQG B . 5.43 -6.31 8.66
O2D HQG B . 2.59 -4.41 -0.84
O2N HQG B . 5.50 -4.15 3.92
O2Z HQG B . 1.52 -0.84 -3.68
O3 HQG B . 4.94 -2.00 5.07
O3B HQG B . 7.61 -5.75 6.97
O3D HQG B . 0.63 -2.93 0.38
O3Z HQG B . 3.96 -0.59 -3.17
O4B HQG B . 7.57 -3.52 9.27
O4D HQG B . 3.26 -1.10 0.43
O4Z HQG B . 2.37 -1.75 -1.61
O5B HQG B . 7.25 -2.01 6.02
O5D HQG B . 3.98 -2.51 2.82
PA HQG B . 6.30 -1.18 5.07
PN HQG B . 4.37 -3.22 4.19
PZ HQG B . 2.77 -1.51 -3.15
N NO3 C . -14.91 -1.43 9.49
O1 NO3 C . -15.94 -1.80 8.96
O2 NO3 C . -14.14 -2.23 9.93
O3 NO3 C . -14.68 -0.23 9.63
C1 GOL D . 15.74 -12.78 5.49
O1 GOL D . 15.78 -13.16 4.09
C2 GOL D . 14.32 -12.54 6.04
O2 GOL D . 13.23 -13.21 5.51
C3 GOL D . 14.43 -12.43 7.63
O3 GOL D . 13.41 -13.19 8.27
C1 GOL E . 6.93 2.96 -3.22
O1 GOL E . 7.11 4.36 -3.22
C2 GOL E . 6.73 2.50 -1.77
O2 GOL E . 5.50 2.81 -1.28
C3 GOL E . 7.00 0.98 -1.80
O3 GOL E . 6.01 0.35 -1.06
N NO3 F . 5.34 -4.11 -17.42
O1 NO3 F . 4.81 -4.96 -18.12
O2 NO3 F . 4.82 -3.77 -16.37
O3 NO3 F . 6.41 -3.63 -17.75
N NO3 G . 8.88 15.86 -0.57
O1 NO3 G . 7.70 16.12 -0.74
O2 NO3 G . 9.28 15.53 0.54
O3 NO3 G . 9.68 15.95 -1.49
C1 PEG H . -6.53 -10.48 -6.34
O1 PEG H . -7.21 -11.16 -5.28
C2 PEG H . -5.13 -10.12 -5.91
O2 PEG H . -4.84 -8.76 -6.13
C3 PEG H . -4.65 -8.31 -7.46
C4 PEG H . -3.41 -8.93 -8.05
O4 PEG H . -2.25 -8.60 -7.28
K K I . -14.29 0.84 4.08
#